data_2D0D
#
_entry.id   2D0D
#
_cell.length_a   76.650
_cell.length_b   116.623
_cell.length_c   78.640
_cell.angle_alpha   90.00
_cell.angle_beta   90.00
_cell.angle_gamma   90.00
#
_symmetry.space_group_name_H-M   'C 2 2 21'
#
loop_
_entity.id
_entity.type
_entity.pdbx_description
1 polymer '2-hydroxy-6-oxo-7-methylocta-2,4-dienoate hydrolase'
2 non-polymer 'CHLORIDE ION'
3 non-polymer 'PHOSPHATE ION'
4 water water
#
_entity_poly.entity_id   1
_entity_poly.type   'polypeptide(L)'
_entity_poly.pdbx_seq_one_letter_code
;MANLEIGKSILAAGVLTNYHDVGEGQPVILIHGSGPGVSAYANWRLTIPALSKFYRVIAPDMVGFGFTDRPENYNYSKDS
WVDHIIGIMDALEIEKAHIVGNSFGGGLAIATALRYSERVDRMVLMGAVGTRFDVTEGLNAVWGYTPSIENMRNLLDIFA
YDRSLVTDELARLRYEASIQPGFQESFSSMFPEPRQRWIDALASSDEDIKTLPNETLIIHGREDQVVPLSSSLRLGELID
RAQLHVFGRCGHWTQIEQTDRFNRLVVEFFNEANTPKLVGRP
;
_entity_poly.pdbx_strand_id   A
#
loop_
_chem_comp.id
_chem_comp.type
_chem_comp.name
_chem_comp.formula
CL non-polymer 'CHLORIDE ION' 'Cl -1'
PO4 non-polymer 'PHOSPHATE ION' 'O4 P -3'
#
# COMPACT_ATOMS: atom_id res chain seq x y z
N ASN A 3 20.82 -6.14 2.72
CA ASN A 3 19.46 -5.97 2.11
C ASN A 3 18.87 -4.65 2.60
N LEU A 4 18.78 -3.67 1.72
CA LEU A 4 18.24 -2.36 2.07
C LEU A 4 16.77 -2.41 2.45
N GLU A 5 16.10 -3.52 2.15
CA GLU A 5 14.68 -3.65 2.48
C GLU A 5 14.53 -3.85 3.99
N ILE A 6 15.62 -4.24 4.64
CA ILE A 6 15.59 -4.44 6.08
C ILE A 6 16.02 -3.12 6.73
N GLY A 7 15.24 -2.66 7.69
CA GLY A 7 15.54 -1.41 8.36
C GLY A 7 15.71 -1.58 9.85
N LYS A 8 14.81 -0.97 10.62
CA LYS A 8 14.84 -1.06 12.07
C LYS A 8 13.76 -2.03 12.54
N SER A 9 13.87 -2.47 13.78
CA SER A 9 12.92 -3.42 14.36
C SER A 9 12.25 -2.85 15.60
N ILE A 10 10.95 -3.08 15.73
CA ILE A 10 10.22 -2.60 16.90
C ILE A 10 9.02 -3.49 17.15
N LEU A 11 8.67 -3.68 18.42
CA LEU A 11 7.51 -4.50 18.77
C LEU A 11 6.27 -3.61 18.63
N ALA A 12 5.35 -4.04 17.76
CA ALA A 12 4.12 -3.29 17.53
C ALA A 12 2.92 -4.23 17.53
N ALA A 13 1.95 -3.97 18.40
CA ALA A 13 0.77 -4.82 18.48
C ALA A 13 1.20 -6.27 18.73
N GLY A 14 2.29 -6.44 19.47
CA GLY A 14 2.78 -7.77 19.79
C GLY A 14 3.54 -8.48 18.69
N VAL A 15 3.82 -7.77 17.60
CA VAL A 15 4.54 -8.36 16.48
C VAL A 15 5.85 -7.63 16.21
N LEU A 16 6.95 -8.38 16.11
CA LEU A 16 8.25 -7.77 15.82
C LEU A 16 8.12 -7.24 14.40
N THR A 17 8.21 -5.93 14.25
CA THR A 17 8.03 -5.26 12.97
C THR A 17 9.24 -4.58 12.34
N ASN A 18 9.44 -4.83 11.04
CA ASN A 18 10.53 -4.21 10.30
C ASN A 18 9.98 -2.89 9.74
N TYR A 19 10.75 -1.82 9.88
CA TYR A 19 10.29 -0.53 9.38
C TYR A 19 11.43 0.44 9.10
N HIS A 20 11.11 1.48 8.36
CA HIS A 20 12.05 2.53 7.99
C HIS A 20 11.50 3.81 8.62
N ASP A 21 12.40 4.65 9.10
CA ASP A 21 12.03 5.90 9.76
C ASP A 21 13.04 6.94 9.28
N VAL A 22 12.59 7.82 8.39
CA VAL A 22 13.47 8.83 7.81
C VAL A 22 12.83 10.23 7.84
N GLY A 23 13.61 11.22 8.25
CA GLY A 23 13.09 12.58 8.28
C GLY A 23 12.63 13.06 9.65
N GLU A 24 12.24 14.34 9.71
CA GLU A 24 11.78 14.94 10.96
C GLU A 24 10.52 15.78 10.71
N GLY A 25 9.77 16.01 11.78
CA GLY A 25 8.56 16.81 11.66
C GLY A 25 7.26 16.03 11.70
N GLN A 26 6.25 16.55 11.01
CA GLN A 26 4.94 15.92 10.95
C GLN A 26 5.09 14.48 10.45
N PRO A 27 4.51 13.52 11.18
CA PRO A 27 4.61 12.11 10.78
C PRO A 27 3.69 11.71 9.63
N VAL A 28 4.22 10.85 8.76
CA VAL A 28 3.49 10.33 7.61
C VAL A 28 3.75 8.83 7.58
N ILE A 29 2.70 8.03 7.54
CA ILE A 29 2.85 6.58 7.50
C ILE A 29 2.56 6.10 6.08
N LEU A 30 3.50 5.36 5.50
CA LEU A 30 3.33 4.83 4.14
C LEU A 30 2.97 3.35 4.27
N ILE A 31 1.86 2.95 3.66
CA ILE A 31 1.41 1.55 3.72
C ILE A 31 1.49 0.91 2.34
N HIS A 32 2.38 -0.06 2.19
CA HIS A 32 2.59 -0.77 0.92
C HIS A 32 1.43 -1.65 0.44
N GLY A 33 1.57 -2.10 -0.81
CA GLY A 33 0.58 -2.97 -1.44
C GLY A 33 0.75 -4.42 -0.99
N SER A 34 0.10 -5.36 -1.68
CA SER A 34 0.19 -6.77 -1.27
C SER A 34 0.73 -7.76 -2.29
N GLY A 35 1.67 -7.33 -3.13
CA GLY A 35 2.22 -8.24 -4.11
C GLY A 35 3.25 -9.19 -3.52
N PRO A 36 3.61 -10.26 -4.23
CA PRO A 36 4.59 -11.22 -3.72
C PRO A 36 5.98 -10.57 -3.59
N GLY A 37 6.62 -10.77 -2.45
CA GLY A 37 7.93 -10.21 -2.22
C GLY A 37 7.91 -8.73 -1.85
N VAL A 38 6.72 -8.17 -1.71
CA VAL A 38 6.59 -6.76 -1.38
C VAL A 38 7.17 -6.42 -0.01
N SER A 39 7.60 -5.18 0.13
CA SER A 39 8.12 -4.66 1.38
C SER A 39 7.94 -3.15 1.33
N ALA A 40 7.98 -2.49 2.47
CA ALA A 40 7.83 -1.05 2.51
C ALA A 40 8.90 -0.37 1.67
N TYR A 41 10.14 -0.84 1.79
CA TYR A 41 11.23 -0.25 1.03
C TYR A 41 11.07 -0.43 -0.48
N ALA A 42 10.71 -1.64 -0.89
CA ALA A 42 10.53 -1.92 -2.31
C ALA A 42 9.46 -1.01 -2.92
N ASN A 43 8.37 -0.83 -2.18
CA ASN A 43 7.26 -0.02 -2.63
C ASN A 43 7.54 1.48 -2.60
N TRP A 44 8.22 1.92 -1.55
CA TRP A 44 8.45 3.35 -1.33
C TRP A 44 9.86 3.94 -1.47
N ARG A 45 10.81 3.15 -1.95
CA ARG A 45 12.18 3.64 -2.05
C ARG A 45 12.37 4.93 -2.86
N LEU A 46 11.47 5.21 -3.79
CA LEU A 46 11.56 6.42 -4.61
C LEU A 46 10.70 7.55 -4.06
N THR A 47 9.94 7.24 -3.01
CA THR A 47 9.05 8.21 -2.39
C THR A 47 9.63 8.79 -1.10
N ILE A 48 10.21 7.92 -0.28
CA ILE A 48 10.78 8.33 0.99
C ILE A 48 11.77 9.49 0.91
N PRO A 49 12.74 9.44 -0.02
CA PRO A 49 13.72 10.53 -0.15
C PRO A 49 13.10 11.90 -0.31
N ALA A 50 12.07 12.00 -1.14
CA ALA A 50 11.40 13.28 -1.39
C ALA A 50 10.60 13.76 -0.19
N LEU A 51 9.76 12.88 0.36
CA LEU A 51 8.94 13.25 1.50
C LEU A 51 9.71 13.52 2.78
N SER A 52 10.77 12.74 3.02
CA SER A 52 11.56 12.90 4.24
C SER A 52 12.27 14.23 4.35
N LYS A 53 12.30 15.00 3.26
CA LYS A 53 12.94 16.30 3.29
C LYS A 53 12.08 17.31 4.05
N PHE A 54 10.79 16.98 4.21
CA PHE A 54 9.85 17.87 4.89
C PHE A 54 8.98 17.19 5.94
N TYR A 55 9.06 15.87 6.01
CA TYR A 55 8.24 15.11 6.97
C TYR A 55 8.99 13.94 7.55
N ARG A 56 8.48 13.40 8.66
CA ARG A 56 9.07 12.23 9.26
C ARG A 56 8.31 11.09 8.60
N VAL A 57 9.01 10.28 7.82
CA VAL A 57 8.36 9.18 7.11
C VAL A 57 8.56 7.81 7.74
N ILE A 58 7.45 7.16 8.05
CA ILE A 58 7.47 5.83 8.64
C ILE A 58 6.92 4.87 7.59
N ALA A 59 7.73 3.87 7.22
CA ALA A 59 7.33 2.89 6.22
C ALA A 59 7.57 1.51 6.79
N PRO A 60 6.52 0.91 7.38
CA PRO A 60 6.62 -0.42 7.97
C PRO A 60 6.19 -1.57 7.07
N ASP A 61 6.72 -2.76 7.35
CA ASP A 61 6.31 -3.94 6.59
C ASP A 61 5.11 -4.46 7.37
N MET A 62 3.95 -4.53 6.72
CA MET A 62 2.75 -5.02 7.39
C MET A 62 2.91 -6.49 7.78
N VAL A 63 2.33 -6.86 8.92
CA VAL A 63 2.44 -8.24 9.39
C VAL A 63 1.99 -9.20 8.27
N GLY A 64 2.82 -10.21 8.03
CA GLY A 64 2.53 -11.17 6.98
C GLY A 64 3.30 -10.85 5.70
N PHE A 65 3.93 -9.67 5.68
CA PHE A 65 4.69 -9.22 4.53
C PHE A 65 6.11 -8.78 4.89
N GLY A 66 6.95 -8.65 3.86
CA GLY A 66 8.31 -8.20 4.07
C GLY A 66 9.10 -8.92 5.14
N PHE A 67 9.84 -8.16 5.94
CA PHE A 67 10.67 -8.74 6.99
C PHE A 67 10.10 -8.65 8.40
N THR A 68 8.81 -8.36 8.48
CA THR A 68 8.15 -8.31 9.78
C THR A 68 7.87 -9.76 10.12
N ASP A 69 7.73 -10.06 11.40
CA ASP A 69 7.47 -11.42 11.84
C ASP A 69 6.15 -11.95 11.27
N ARG A 70 6.12 -13.25 11.00
CA ARG A 70 4.93 -13.92 10.49
C ARG A 70 4.54 -14.90 11.60
N PRO A 71 3.78 -14.42 12.60
CA PRO A 71 3.32 -15.22 13.74
C PRO A 71 2.63 -16.51 13.35
N GLU A 72 2.97 -17.58 14.05
CA GLU A 72 2.37 -18.89 13.79
C GLU A 72 0.87 -18.82 14.09
N ASN A 73 0.07 -19.31 13.15
CA ASN A 73 -1.38 -19.31 13.31
C ASN A 73 -1.97 -17.91 13.46
N TYR A 74 -1.24 -16.90 13.02
CA TYR A 74 -1.71 -15.52 13.11
C TYR A 74 -2.98 -15.37 12.29
N ASN A 75 -3.95 -14.64 12.84
CA ASN A 75 -5.21 -14.42 12.14
C ASN A 75 -5.20 -13.10 11.37
N TYR A 76 -4.91 -13.19 10.08
CA TYR A 76 -4.86 -12.02 9.22
C TYR A 76 -6.26 -11.55 8.86
N SER A 77 -6.47 -10.24 8.92
CA SER A 77 -7.76 -9.65 8.60
C SER A 77 -7.58 -8.14 8.50
N LYS A 78 -8.56 -7.45 7.94
CA LYS A 78 -8.47 -6.00 7.82
C LYS A 78 -8.31 -5.40 9.20
N ASP A 79 -9.07 -5.90 10.17
CA ASP A 79 -9.02 -5.39 11.53
C ASP A 79 -7.66 -5.64 12.18
N SER A 80 -7.07 -6.79 11.93
CA SER A 80 -5.77 -7.12 12.49
C SER A 80 -4.69 -6.21 11.89
N TRP A 81 -4.79 -5.96 10.59
CA TRP A 81 -3.83 -5.09 9.92
C TRP A 81 -3.96 -3.65 10.40
N VAL A 82 -5.19 -3.21 10.61
CA VAL A 82 -5.43 -1.86 11.11
C VAL A 82 -4.84 -1.76 12.51
N ASP A 83 -5.03 -2.82 13.31
CA ASP A 83 -4.48 -2.81 14.66
C ASP A 83 -2.96 -2.77 14.63
N HIS A 84 -2.36 -3.36 13.60
CA HIS A 84 -0.92 -3.36 13.48
C HIS A 84 -0.45 -1.93 13.18
N ILE A 85 -1.14 -1.26 12.27
CA ILE A 85 -0.79 0.12 11.93
C ILE A 85 -0.85 0.99 13.19
N ILE A 86 -1.93 0.86 13.94
CA ILE A 86 -2.10 1.62 15.17
C ILE A 86 -1.04 1.22 16.19
N GLY A 87 -0.70 -0.06 16.22
CA GLY A 87 0.33 -0.53 17.15
C GLY A 87 1.67 0.09 16.84
N ILE A 88 1.96 0.24 15.55
CA ILE A 88 3.21 0.84 15.11
C ILE A 88 3.22 2.31 15.53
N MET A 89 2.10 2.99 15.31
CA MET A 89 2.00 4.39 15.70
C MET A 89 2.17 4.53 17.21
N ASP A 90 1.51 3.66 17.97
CA ASP A 90 1.63 3.70 19.43
C ASP A 90 3.08 3.49 19.86
N ALA A 91 3.72 2.48 19.29
CA ALA A 91 5.11 2.16 19.62
C ALA A 91 6.06 3.34 19.37
N LEU A 92 5.77 4.14 18.36
CA LEU A 92 6.60 5.29 18.01
C LEU A 92 6.10 6.60 18.60
N GLU A 93 5.08 6.52 19.45
CA GLU A 93 4.50 7.71 20.09
C GLU A 93 3.99 8.70 19.03
N ILE A 94 3.45 8.17 17.95
CA ILE A 94 2.89 8.99 16.88
C ILE A 94 1.39 9.06 17.17
N GLU A 95 0.97 10.20 17.73
CA GLU A 95 -0.41 10.40 18.11
C GLU A 95 -1.38 10.66 16.96
N LYS A 96 -0.89 11.35 15.93
CA LYS A 96 -1.72 11.63 14.76
C LYS A 96 -0.79 11.74 13.58
N ALA A 97 -1.18 11.15 12.46
CA ALA A 97 -0.32 11.21 11.28
C ALA A 97 -1.10 11.20 9.99
N HIS A 98 -0.42 11.56 8.91
CA HIS A 98 -1.01 11.51 7.58
C HIS A 98 -0.74 10.08 7.15
N ILE A 99 -1.55 9.54 6.27
CA ILE A 99 -1.34 8.17 5.81
C ILE A 99 -1.42 8.08 4.29
N VAL A 100 -0.47 7.38 3.70
CA VAL A 100 -0.45 7.14 2.25
C VAL A 100 -0.62 5.64 2.11
N GLY A 101 -1.70 5.21 1.45
CA GLY A 101 -1.95 3.79 1.29
C GLY A 101 -1.99 3.36 -0.16
N ASN A 102 -1.20 2.34 -0.49
CA ASN A 102 -1.13 1.82 -1.84
C ASN A 102 -1.91 0.53 -2.01
N SER A 103 -2.94 0.57 -2.86
CA SER A 103 -3.75 -0.61 -3.17
C SER A 103 -4.31 -1.22 -1.88
N PHE A 104 -3.83 -2.42 -1.54
CA PHE A 104 -4.21 -3.10 -0.31
C PHE A 104 -4.06 -2.11 0.86
N GLY A 105 -2.94 -1.39 0.84
CA GLY A 105 -2.68 -0.40 1.89
C GLY A 105 -3.64 0.76 1.89
N GLY A 106 -4.26 1.04 0.75
CA GLY A 106 -5.22 2.12 0.67
C GLY A 106 -6.51 1.70 1.35
N GLY A 107 -6.85 0.41 1.23
CA GLY A 107 -8.03 -0.09 1.87
C GLY A 107 -7.82 -0.02 3.38
N LEU A 108 -6.60 -0.32 3.81
CA LEU A 108 -6.26 -0.28 5.23
C LEU A 108 -6.28 1.16 5.75
N ALA A 109 -5.85 2.10 4.91
CA ALA A 109 -5.82 3.51 5.31
C ALA A 109 -7.25 3.98 5.60
N ILE A 110 -8.18 3.64 4.71
CA ILE A 110 -9.57 4.03 4.90
C ILE A 110 -10.12 3.42 6.19
N ALA A 111 -9.87 2.13 6.39
CA ALA A 111 -10.36 1.44 7.58
C ALA A 111 -9.77 2.04 8.86
N THR A 112 -8.51 2.48 8.79
CA THR A 112 -7.87 3.09 9.96
C THR A 112 -8.55 4.43 10.25
N ALA A 113 -8.83 5.19 9.19
CA ALA A 113 -9.47 6.49 9.34
C ALA A 113 -10.89 6.34 9.91
N LEU A 114 -11.52 5.20 9.63
CA LEU A 114 -12.87 4.94 10.12
C LEU A 114 -12.90 4.46 11.56
N ARG A 115 -11.97 3.57 11.91
CA ARG A 115 -11.91 3.00 13.26
C ARG A 115 -11.15 3.85 14.27
N TYR A 116 -10.17 4.61 13.78
CA TYR A 116 -9.33 5.46 14.63
C TYR A 116 -9.23 6.87 14.02
N SER A 117 -10.38 7.48 13.78
CA SER A 117 -10.41 8.81 13.17
C SER A 117 -9.52 9.85 13.83
N GLU A 118 -9.41 9.81 15.15
CA GLU A 118 -8.59 10.79 15.86
C GLU A 118 -7.09 10.61 15.65
N ARG A 119 -6.69 9.47 15.08
CA ARG A 119 -5.28 9.20 14.84
C ARG A 119 -4.85 9.52 13.42
N VAL A 120 -5.80 9.83 12.54
CA VAL A 120 -5.50 10.11 11.15
C VAL A 120 -5.83 11.55 10.73
N ASP A 121 -4.87 12.21 10.07
CA ASP A 121 -5.08 13.58 9.61
C ASP A 121 -5.44 13.54 8.12
N ARG A 122 -4.45 13.66 7.24
CA ARG A 122 -4.73 13.64 5.81
C ARG A 122 -4.44 12.27 5.22
N MET A 123 -5.17 11.91 4.17
CA MET A 123 -4.99 10.61 3.52
C MET A 123 -4.71 10.71 2.02
N VAL A 124 -3.80 9.87 1.56
CA VAL A 124 -3.49 9.78 0.14
C VAL A 124 -3.84 8.32 -0.19
N LEU A 125 -4.78 8.14 -1.10
CA LEU A 125 -5.21 6.79 -1.49
C LEU A 125 -4.73 6.55 -2.92
N MET A 126 -3.75 5.67 -3.06
CA MET A 126 -3.16 5.37 -4.36
C MET A 126 -3.62 4.02 -4.90
N GLY A 127 -4.43 4.04 -5.96
CA GLY A 127 -4.94 2.80 -6.54
C GLY A 127 -5.46 1.92 -5.44
N ALA A 128 -6.15 2.53 -4.50
CA ALA A 128 -6.67 1.85 -3.32
C ALA A 128 -7.79 0.83 -3.52
N VAL A 129 -7.70 -0.26 -2.75
CA VAL A 129 -8.73 -1.29 -2.78
C VAL A 129 -9.65 -0.85 -1.64
N GLY A 130 -10.44 0.19 -1.89
CA GLY A 130 -11.33 0.72 -0.88
C GLY A 130 -12.80 0.55 -1.17
N THR A 131 -13.12 0.16 -2.40
CA THR A 131 -14.51 -0.04 -2.80
C THR A 131 -14.58 -1.34 -3.57
N ARG A 132 -15.75 -1.99 -3.55
CA ARG A 132 -15.87 -3.26 -4.24
C ARG A 132 -15.88 -3.12 -5.75
N PHE A 133 -15.14 -4.02 -6.40
CA PHE A 133 -15.07 -4.08 -7.84
C PHE A 133 -14.87 -5.55 -8.18
N ASP A 134 -15.31 -5.98 -9.36
CA ASP A 134 -15.14 -7.38 -9.73
C ASP A 134 -13.67 -7.67 -9.93
N VAL A 135 -13.20 -8.76 -9.33
CA VAL A 135 -11.80 -9.14 -9.43
C VAL A 135 -11.27 -9.06 -10.85
N THR A 136 -10.11 -8.42 -10.99
CA THR A 136 -9.44 -8.25 -12.27
C THR A 136 -8.48 -9.41 -12.49
N GLU A 137 -8.12 -9.68 -13.73
CA GLU A 137 -7.17 -10.75 -13.98
C GLU A 137 -5.84 -10.32 -13.38
N GLY A 138 -5.57 -9.02 -13.41
CA GLY A 138 -4.33 -8.51 -12.85
C GLY A 138 -4.20 -8.86 -11.38
N LEU A 139 -5.25 -8.61 -10.61
CA LEU A 139 -5.20 -8.91 -9.18
C LEU A 139 -5.22 -10.42 -8.94
N ASN A 140 -5.94 -11.16 -9.78
CA ASN A 140 -6.00 -12.62 -9.63
C ASN A 140 -4.60 -13.18 -9.86
N ALA A 141 -3.87 -12.59 -10.80
CA ALA A 141 -2.52 -13.04 -11.12
C ALA A 141 -1.55 -12.67 -9.99
N VAL A 142 -1.70 -11.47 -9.44
CA VAL A 142 -0.83 -11.02 -8.37
C VAL A 142 -1.00 -11.91 -7.14
N TRP A 143 -2.24 -12.07 -6.69
CA TRP A 143 -2.50 -12.88 -5.50
C TRP A 143 -2.32 -14.38 -5.73
N GLY A 144 -2.43 -14.82 -6.98
CA GLY A 144 -2.28 -16.23 -7.30
C GLY A 144 -0.87 -16.59 -7.73
N TYR A 145 0.06 -15.66 -7.53
CA TYR A 145 1.45 -15.87 -7.90
C TYR A 145 2.14 -17.07 -7.26
N THR A 146 2.89 -17.80 -8.07
CA THR A 146 3.73 -18.90 -7.58
C THR A 146 5.07 -18.47 -8.17
N PRO A 147 6.18 -18.72 -7.46
CA PRO A 147 7.50 -18.32 -7.94
C PRO A 147 8.09 -18.83 -9.24
N SER A 148 8.59 -17.87 -10.03
CA SER A 148 9.28 -18.12 -11.29
C SER A 148 9.63 -16.76 -11.88
N ILE A 149 10.74 -16.69 -12.60
CA ILE A 149 11.14 -15.44 -13.22
C ILE A 149 10.08 -14.96 -14.20
N GLU A 150 9.51 -15.87 -14.99
CA GLU A 150 8.49 -15.47 -15.95
C GLU A 150 7.19 -15.06 -15.28
N ASN A 151 6.81 -15.72 -14.19
CA ASN A 151 5.58 -15.33 -13.51
C ASN A 151 5.75 -13.94 -12.92
N MET A 152 6.95 -13.64 -12.43
CA MET A 152 7.22 -12.33 -11.86
C MET A 152 7.30 -11.27 -12.97
N ARG A 153 7.87 -11.65 -14.12
CA ARG A 153 7.95 -10.71 -15.22
C ARG A 153 6.53 -10.32 -15.63
N ASN A 154 5.64 -11.30 -15.65
CA ASN A 154 4.25 -11.05 -16.00
C ASN A 154 3.62 -10.08 -15.00
N LEU A 155 3.89 -10.27 -13.72
CA LEU A 155 3.31 -9.38 -12.71
C LEU A 155 3.85 -7.97 -12.90
N LEU A 156 5.14 -7.85 -13.16
CA LEU A 156 5.73 -6.53 -13.36
C LEU A 156 5.07 -5.87 -14.58
N ASP A 157 4.78 -6.67 -15.61
CA ASP A 157 4.12 -6.14 -16.80
C ASP A 157 2.74 -5.64 -16.42
N ILE A 158 2.07 -6.39 -15.54
CA ILE A 158 0.73 -6.03 -15.09
C ILE A 158 0.72 -4.69 -14.35
N PHE A 159 1.79 -4.41 -13.62
CA PHE A 159 1.90 -3.17 -12.86
C PHE A 159 2.30 -1.96 -13.69
N ALA A 160 2.95 -2.21 -14.82
CA ALA A 160 3.46 -1.12 -15.64
C ALA A 160 2.70 -0.76 -16.91
N TYR A 161 2.82 0.50 -17.30
CA TYR A 161 2.22 0.98 -18.54
C TYR A 161 3.33 0.81 -19.58
N ASP A 162 4.50 1.35 -19.25
CA ASP A 162 5.66 1.26 -20.13
C ASP A 162 6.44 0.00 -19.74
N ARG A 163 6.29 -1.06 -20.52
CA ARG A 163 6.97 -2.32 -20.22
C ARG A 163 8.48 -2.26 -20.34
N SER A 164 9.02 -1.15 -20.86
CA SER A 164 10.46 -1.02 -20.99
C SER A 164 11.09 -0.97 -19.61
N LEU A 165 10.28 -0.68 -18.60
CA LEU A 165 10.74 -0.61 -17.22
C LEU A 165 10.94 -2.00 -16.65
N VAL A 166 10.30 -2.99 -17.26
CA VAL A 166 10.40 -4.38 -16.82
C VAL A 166 11.58 -5.05 -17.51
N THR A 167 12.67 -5.17 -16.77
CA THR A 167 13.90 -5.78 -17.28
C THR A 167 14.11 -7.17 -16.71
N ASP A 168 15.00 -7.94 -17.32
CA ASP A 168 15.29 -9.28 -16.84
C ASP A 168 15.84 -9.16 -15.42
N GLU A 169 16.65 -8.13 -15.20
CA GLU A 169 17.25 -7.88 -13.89
C GLU A 169 16.19 -7.66 -12.82
N LEU A 170 15.21 -6.81 -13.12
CA LEU A 170 14.17 -6.51 -12.14
C LEU A 170 13.33 -7.75 -11.84
N ALA A 171 12.99 -8.50 -12.88
CA ALA A 171 12.20 -9.72 -12.72
C ALA A 171 12.97 -10.72 -11.86
N ARG A 172 14.28 -10.81 -12.10
CA ARG A 172 15.11 -11.73 -11.34
C ARG A 172 15.20 -11.32 -9.86
N LEU A 173 15.44 -10.03 -9.63
CA LEU A 173 15.55 -9.52 -8.27
C LEU A 173 14.28 -9.67 -7.46
N ARG A 174 13.13 -9.38 -8.07
CA ARG A 174 11.88 -9.51 -7.34
C ARG A 174 11.51 -10.98 -7.17
N TYR A 175 11.92 -11.82 -8.13
CA TYR A 175 11.66 -13.25 -8.00
C TYR A 175 12.41 -13.71 -6.75
N GLU A 176 13.68 -13.32 -6.64
CA GLU A 176 14.48 -13.72 -5.49
C GLU A 176 13.86 -13.21 -4.19
N ALA A 177 13.28 -12.01 -4.23
CA ALA A 177 12.64 -11.47 -3.05
C ALA A 177 11.44 -12.33 -2.64
N SER A 178 10.71 -12.82 -3.64
CA SER A 178 9.52 -13.62 -3.40
C SER A 178 9.77 -15.01 -2.83
N ILE A 179 10.98 -15.54 -2.98
CA ILE A 179 11.28 -16.87 -2.47
C ILE A 179 12.06 -16.89 -1.16
N GLN A 180 12.21 -15.73 -0.54
CA GLN A 180 12.92 -15.67 0.73
C GLN A 180 12.19 -16.56 1.73
N PRO A 181 12.90 -17.09 2.73
CA PRO A 181 12.31 -17.96 3.74
C PRO A 181 10.95 -17.50 4.29
N GLY A 182 9.94 -18.35 4.10
CA GLY A 182 8.60 -18.06 4.60
C GLY A 182 7.73 -17.10 3.82
N PHE A 183 8.30 -16.41 2.83
CA PHE A 183 7.53 -15.44 2.05
C PHE A 183 6.38 -16.03 1.23
N GLN A 184 6.69 -16.95 0.33
CA GLN A 184 5.66 -17.55 -0.51
C GLN A 184 4.66 -18.34 0.31
N GLU A 185 5.14 -18.92 1.41
CA GLU A 185 4.28 -19.69 2.30
C GLU A 185 3.15 -18.84 2.88
N SER A 186 3.50 -17.68 3.44
CA SER A 186 2.48 -16.80 4.01
C SER A 186 1.69 -16.08 2.93
N PHE A 187 2.34 -15.79 1.81
CA PHE A 187 1.67 -15.10 0.72
C PHE A 187 0.58 -15.94 0.06
N SER A 188 0.92 -17.19 -0.28
CA SER A 188 -0.02 -18.08 -0.95
C SER A 188 -1.26 -18.40 -0.13
N SER A 189 -1.16 -18.30 1.19
CA SER A 189 -2.30 -18.59 2.06
C SER A 189 -3.03 -17.31 2.47
N MET A 190 -2.52 -16.16 2.04
CA MET A 190 -3.10 -14.88 2.41
C MET A 190 -4.40 -14.51 1.70
N PHE A 191 -4.45 -14.70 0.39
CA PHE A 191 -5.61 -14.36 -0.42
C PHE A 191 -6.05 -15.53 -1.30
N PRO A 192 -6.43 -16.67 -0.68
CA PRO A 192 -6.85 -17.84 -1.44
C PRO A 192 -8.16 -17.68 -2.22
N GLU A 193 -8.30 -18.46 -3.29
CA GLU A 193 -9.51 -18.42 -4.10
C GLU A 193 -10.71 -18.91 -3.30
N PRO A 194 -11.90 -18.31 -3.52
CA PRO A 194 -12.16 -17.21 -4.46
C PRO A 194 -11.65 -15.87 -3.91
N ARG A 195 -10.90 -15.16 -4.73
CA ARG A 195 -10.32 -13.90 -4.31
C ARG A 195 -11.26 -12.69 -4.22
N GLN A 196 -12.46 -12.81 -4.79
CA GLN A 196 -13.41 -11.71 -4.72
C GLN A 196 -13.69 -11.41 -3.24
N ARG A 197 -13.64 -12.46 -2.41
CA ARG A 197 -13.89 -12.33 -0.99
C ARG A 197 -12.99 -11.30 -0.32
N TRP A 198 -11.73 -11.24 -0.76
CA TRP A 198 -10.76 -10.34 -0.17
C TRP A 198 -10.90 -8.91 -0.64
N ILE A 199 -11.40 -8.72 -1.85
CA ILE A 199 -11.62 -7.36 -2.33
C ILE A 199 -12.80 -6.85 -1.50
N ASP A 200 -13.83 -7.67 -1.38
CA ASP A 200 -15.02 -7.32 -0.61
C ASP A 200 -14.66 -7.04 0.84
N ALA A 201 -13.75 -7.84 1.40
CA ALA A 201 -13.33 -7.68 2.79
C ALA A 201 -12.55 -6.39 3.02
N LEU A 202 -11.58 -6.12 2.16
CA LEU A 202 -10.74 -4.93 2.28
C LEU A 202 -11.53 -3.65 2.06
N ALA A 203 -12.46 -3.68 1.12
CA ALA A 203 -13.28 -2.51 0.81
C ALA A 203 -14.14 -2.05 1.98
N SER A 204 -14.51 -0.78 1.96
CA SER A 204 -15.37 -0.21 2.99
C SER A 204 -16.67 0.13 2.28
N SER A 205 -17.77 0.18 3.02
CA SER A 205 -19.07 0.46 2.44
C SER A 205 -19.21 1.92 2.01
N ASP A 206 -20.09 2.17 1.05
CA ASP A 206 -20.34 3.52 0.57
C ASP A 206 -20.74 4.37 1.77
N GLU A 207 -21.63 3.81 2.57
CA GLU A 207 -22.15 4.47 3.76
C GLU A 207 -21.01 4.94 4.68
N ASP A 208 -20.08 4.05 4.99
CA ASP A 208 -18.96 4.41 5.86
C ASP A 208 -18.00 5.42 5.22
N ILE A 209 -17.68 5.21 3.95
CA ILE A 209 -16.77 6.12 3.27
C ILE A 209 -17.30 7.55 3.25
N LYS A 210 -18.60 7.71 3.07
CA LYS A 210 -19.21 9.03 3.04
C LYS A 210 -19.06 9.80 4.36
N THR A 211 -18.77 9.09 5.45
CA THR A 211 -18.63 9.73 6.76
C THR A 211 -17.22 10.28 7.01
N LEU A 212 -16.26 9.94 6.15
CA LEU A 212 -14.89 10.40 6.32
C LEU A 212 -14.75 11.91 6.23
N PRO A 213 -14.22 12.55 7.28
CA PRO A 213 -14.04 14.00 7.29
C PRO A 213 -12.67 14.45 6.80
N ASN A 214 -11.77 13.47 6.61
CA ASN A 214 -10.40 13.76 6.21
C ASN A 214 -10.15 14.41 4.86
N GLU A 215 -9.18 15.31 4.82
CA GLU A 215 -8.76 15.92 3.57
C GLU A 215 -8.14 14.70 2.88
N THR A 216 -8.57 14.41 1.66
CA THR A 216 -8.07 13.23 0.96
C THR A 216 -7.60 13.52 -0.46
N LEU A 217 -6.54 12.82 -0.87
CA LEU A 217 -6.00 12.95 -2.22
C LEU A 217 -6.01 11.53 -2.80
N ILE A 218 -6.80 11.34 -3.85
CA ILE A 218 -6.95 10.05 -4.51
C ILE A 218 -6.14 10.07 -5.79
N ILE A 219 -5.24 9.10 -5.94
CA ILE A 219 -4.36 9.02 -7.10
C ILE A 219 -4.52 7.68 -7.80
N HIS A 220 -4.59 7.70 -9.12
CA HIS A 220 -4.74 6.46 -9.89
C HIS A 220 -4.09 6.56 -11.27
N GLY A 221 -3.55 5.43 -11.73
CA GLY A 221 -2.96 5.38 -13.05
C GLY A 221 -4.08 4.98 -13.99
N ARG A 222 -4.28 5.75 -15.05
CA ARG A 222 -5.36 5.47 -15.98
C ARG A 222 -5.40 4.04 -16.47
N GLU A 223 -4.24 3.48 -16.81
CA GLU A 223 -4.16 2.13 -17.34
C GLU A 223 -3.96 1.02 -16.30
N ASP A 224 -4.17 1.33 -15.01
CA ASP A 224 -4.01 0.36 -13.93
C ASP A 224 -4.75 -0.94 -14.25
N GLN A 225 -4.01 -2.04 -14.31
CA GLN A 225 -4.57 -3.36 -14.62
C GLN A 225 -4.94 -4.15 -13.37
N VAL A 226 -4.49 -3.67 -12.21
CA VAL A 226 -4.76 -4.36 -10.94
C VAL A 226 -6.05 -3.88 -10.30
N VAL A 227 -6.14 -2.58 -10.08
CA VAL A 227 -7.35 -1.96 -9.51
C VAL A 227 -7.87 -1.06 -10.62
N PRO A 228 -9.14 -1.25 -11.02
CA PRO A 228 -9.70 -0.42 -12.09
C PRO A 228 -9.85 1.05 -11.71
N LEU A 229 -9.63 1.92 -12.69
CA LEU A 229 -9.76 3.36 -12.48
C LEU A 229 -11.12 3.69 -11.89
N SER A 230 -12.14 2.97 -12.34
CA SER A 230 -13.50 3.18 -11.86
C SER A 230 -13.59 3.17 -10.33
N SER A 231 -12.72 2.40 -9.69
CA SER A 231 -12.72 2.35 -8.22
C SER A 231 -12.37 3.70 -7.61
N SER A 232 -11.31 4.34 -8.12
CA SER A 232 -10.92 5.63 -7.58
C SER A 232 -11.91 6.72 -7.99
N LEU A 233 -12.55 6.55 -9.15
CA LEU A 233 -13.54 7.54 -9.57
C LEU A 233 -14.68 7.47 -8.55
N ARG A 234 -15.01 6.26 -8.12
CA ARG A 234 -16.08 6.08 -7.14
C ARG A 234 -15.68 6.72 -5.80
N LEU A 235 -14.44 6.49 -5.38
CA LEU A 235 -13.97 7.07 -4.13
C LEU A 235 -14.03 8.59 -4.25
N GLY A 236 -13.79 9.10 -5.44
CA GLY A 236 -13.83 10.53 -5.65
C GLY A 236 -15.22 11.12 -5.49
N GLU A 237 -16.26 10.30 -5.64
CA GLU A 237 -17.60 10.82 -5.51
C GLU A 237 -18.09 10.59 -4.08
N LEU A 238 -17.50 9.60 -3.40
CA LEU A 238 -17.94 9.29 -2.05
C LEU A 238 -17.31 10.14 -0.96
N ILE A 239 -16.01 10.39 -1.07
CA ILE A 239 -15.31 11.18 -0.06
C ILE A 239 -15.53 12.67 -0.28
N ASP A 240 -16.03 13.34 0.76
CA ASP A 240 -16.34 14.76 0.70
C ASP A 240 -15.18 15.69 0.34
N ARG A 241 -14.17 15.77 1.21
CA ARG A 241 -13.04 16.65 0.95
C ARG A 241 -11.96 15.90 0.18
N ALA A 242 -12.29 15.48 -1.04
CA ALA A 242 -11.34 14.74 -1.84
C ALA A 242 -10.99 15.37 -3.17
N GLN A 243 -9.75 15.16 -3.58
CA GLN A 243 -9.26 15.60 -4.87
C GLN A 243 -8.89 14.29 -5.55
N LEU A 244 -9.12 14.21 -6.85
CA LEU A 244 -8.79 13.01 -7.60
C LEU A 244 -7.77 13.38 -8.66
N HIS A 245 -6.70 12.61 -8.76
CA HIS A 245 -5.69 12.88 -9.78
C HIS A 245 -5.40 11.60 -10.52
N VAL A 246 -5.68 11.61 -11.83
CA VAL A 246 -5.45 10.44 -12.68
C VAL A 246 -4.28 10.71 -13.62
N PHE A 247 -3.32 9.79 -13.64
CA PHE A 247 -2.15 9.91 -14.51
C PHE A 247 -2.33 9.07 -15.77
N GLY A 248 -2.38 9.72 -16.93
CA GLY A 248 -2.48 8.98 -18.17
C GLY A 248 -1.13 8.33 -18.44
N ARG A 249 -1.11 7.27 -19.23
CA ARG A 249 0.13 6.57 -19.56
C ARG A 249 0.86 6.17 -18.28
N CYS A 250 0.11 5.53 -17.38
CA CYS A 250 0.64 5.10 -16.10
C CYS A 250 -0.16 3.92 -15.59
N GLY A 251 0.54 2.91 -15.09
CA GLY A 251 -0.13 1.75 -14.56
C GLY A 251 -0.36 1.86 -13.06
N HIS A 252 -0.43 0.70 -12.41
CA HIS A 252 -0.65 0.63 -10.97
C HIS A 252 0.43 1.40 -10.21
N TRP A 253 1.67 1.27 -10.68
CA TRP A 253 2.88 1.90 -10.14
C TRP A 253 2.95 3.43 -10.17
N THR A 254 1.91 4.17 -9.81
CA THR A 254 2.03 5.62 -9.92
C THR A 254 3.25 6.25 -9.23
N GLN A 255 3.65 5.70 -8.08
CA GLN A 255 4.80 6.23 -7.34
C GLN A 255 6.11 5.89 -8.05
N ILE A 256 6.06 4.93 -8.95
CA ILE A 256 7.23 4.48 -9.69
C ILE A 256 7.28 5.04 -11.12
N GLU A 257 6.13 5.06 -11.81
CA GLU A 257 6.07 5.55 -13.18
C GLU A 257 5.83 7.06 -13.34
N GLN A 258 5.38 7.71 -12.28
CA GLN A 258 5.14 9.15 -12.30
C GLN A 258 5.69 9.69 -10.98
N THR A 259 6.87 9.20 -10.63
CA THR A 259 7.54 9.55 -9.38
C THR A 259 7.59 11.03 -8.99
N ASP A 260 8.15 11.87 -9.85
CA ASP A 260 8.24 13.29 -9.52
C ASP A 260 6.89 13.99 -9.39
N ARG A 261 5.98 13.70 -10.30
CA ARG A 261 4.64 14.30 -10.24
C ARG A 261 3.92 13.83 -8.97
N PHE A 262 4.06 12.56 -8.66
CA PHE A 262 3.44 11.97 -7.47
C PHE A 262 3.98 12.61 -6.20
N ASN A 263 5.31 12.65 -6.08
CA ASN A 263 5.94 13.23 -4.90
C ASN A 263 5.57 14.69 -4.70
N ARG A 264 5.52 15.45 -5.80
CA ARG A 264 5.16 16.86 -5.72
C ARG A 264 3.73 17.02 -5.20
N LEU A 265 2.81 16.27 -5.79
CA LEU A 265 1.41 16.33 -5.39
C LEU A 265 1.21 16.00 -3.93
N VAL A 266 1.85 14.93 -3.47
CA VAL A 266 1.73 14.50 -2.09
C VAL A 266 2.34 15.49 -1.09
N VAL A 267 3.58 15.90 -1.34
CA VAL A 267 4.24 16.85 -0.45
C VAL A 267 3.45 18.15 -0.33
N GLU A 268 2.99 18.69 -1.46
CA GLU A 268 2.23 19.93 -1.45
C GLU A 268 0.89 19.77 -0.75
N PHE A 269 0.29 18.59 -0.91
CA PHE A 269 -0.98 18.28 -0.27
C PHE A 269 -0.78 18.33 1.25
N PHE A 270 0.29 17.71 1.73
CA PHE A 270 0.56 17.72 3.17
C PHE A 270 1.00 19.11 3.64
N ASN A 271 1.71 19.85 2.80
CA ASN A 271 2.17 21.20 3.14
C ASN A 271 1.03 22.13 3.53
N GLU A 272 -0.15 21.89 2.97
CA GLU A 272 -1.32 22.73 3.25
C GLU A 272 -1.71 22.67 4.73
N ALA A 273 -1.47 21.51 5.34
CA ALA A 273 -1.81 21.31 6.75
C ALA A 273 -0.93 22.15 7.67
CL CL B . -2.61 -4.89 -3.37
P PO4 C . -11.55 21.44 0.43
O1 PO4 C . -11.56 22.23 -0.83
O2 PO4 C . -12.18 20.12 0.18
O3 PO4 C . -12.32 22.17 1.46
O4 PO4 C . -10.16 21.24 0.89
P PO4 D . -6.33 19.44 8.03
O1 PO4 D . -6.36 20.59 7.10
O2 PO4 D . -7.61 18.68 7.90
O3 PO4 D . -6.18 19.92 9.42
O4 PO4 D . -5.20 18.55 7.68
#